data_5YXJ
#
_entry.id   5YXJ
#
_cell.length_a   163.351
_cell.length_b   34.976
_cell.length_c   118.926
_cell.angle_alpha   90.000
_cell.angle_beta   103.380
_cell.angle_gamma   90.000
#
_symmetry.space_group_name_H-M   'C 1 2 1'
#
loop_
_entity.id
_entity.type
_entity.pdbx_description
1 polymer 'Bile acid receptor'
2 polymer 'Peptide from Nuclear receptor coactivator 2'
3 non-polymer '2-[benzyl(methyl)amino]ethyl methyl 2,6-dimethyl-4-(3-nitrophenyl)pyridine-3,5-dicarboxylate'
4 water water
#
loop_
_entity_poly.entity_id
_entity_poly.type
_entity_poly.pdbx_seq_one_letter_code
_entity_poly.pdbx_strand_id
1 'polypeptide(L)'
;ELTPDQQTLLHFIMDSYNKQRMPQEITNKILKEEFSAEENFLILTEMATNHVQVLVEFTKKLPGFQTLDHEDQIALLKGS
AVEAMFLRSAEIFNKKLPSGHSDLLEERIRNSGISDEYITPMFSFYKSIGELKMTQEEYALLTAIVILSPDRQYIKDREA
VEKLQEPLLDVLQKLCKIHQPENPQHFACLLGRLTELRTFNHHHAEMLMSWRVNDHKFTPLLCEIWDVQ
;
A,B
2 'polypeptide(L)' ENALLRYLLDK C,D
#
# COMPACT_ATOMS: atom_id res chain seq x y z
N GLU A 1 30.37 1.91 -28.27
CA GLU A 1 29.87 1.90 -26.92
C GLU A 1 30.38 0.67 -26.26
N LEU A 2 31.22 0.79 -25.25
CA LEU A 2 31.60 -0.45 -24.57
C LEU A 2 33.08 -0.57 -24.89
N THR A 3 33.96 -0.79 -24.22
CA THR A 3 35.44 -0.52 -24.37
C THR A 3 35.88 -1.86 -23.65
N PRO A 4 36.98 -2.51 -24.11
CA PRO A 4 37.32 -3.79 -23.44
C PRO A 4 37.57 -3.67 -21.95
N ASP A 5 38.43 -2.73 -21.58
CA ASP A 5 38.71 -2.39 -20.19
C ASP A 5 37.49 -1.88 -19.41
N GLN A 6 36.58 -1.20 -20.11
CA GLN A 6 35.32 -0.74 -19.50
C GLN A 6 34.36 -1.91 -19.23
N GLN A 7 34.37 -2.90 -20.11
CA GLN A 7 33.58 -4.12 -19.91
C GLN A 7 34.19 -4.88 -18.79
N THR A 8 35.51 -4.94 -18.78
CA THR A 8 36.19 -5.69 -17.73
C THR A 8 35.84 -5.07 -16.40
N LEU A 9 35.95 -3.75 -16.34
CA LEU A 9 35.66 -2.98 -15.13
C LEU A 9 34.22 -3.14 -14.67
N LEU A 10 33.28 -3.09 -15.62
CA LEU A 10 31.87 -3.27 -15.30
C LEU A 10 31.61 -4.69 -14.77
N HIS A 11 32.06 -5.72 -15.51
CA HIS A 11 31.88 -7.13 -15.10
C HIS A 11 32.34 -7.37 -13.67
N PHE A 12 33.46 -6.72 -13.34
CA PHE A 12 34.07 -6.77 -12.02
C PHE A 12 33.19 -6.12 -10.93
N ILE A 13 32.69 -4.91 -11.20
CA ILE A 13 31.74 -4.23 -10.32
C ILE A 13 30.50 -5.14 -10.09
N MET A 14 29.94 -5.68 -11.17
CA MET A 14 28.73 -6.58 -11.13
C MET A 14 28.89 -7.91 -10.41
N ASP A 15 30.07 -8.51 -10.56
CA ASP A 15 30.37 -9.74 -9.85
C ASP A 15 30.15 -9.48 -8.40
N SER A 16 30.65 -8.34 -7.95
CA SER A 16 30.66 -7.95 -6.56
C SER A 16 29.28 -7.50 -6.14
N TYR A 17 28.62 -6.72 -7.00
CA TYR A 17 27.31 -6.16 -6.66
C TYR A 17 26.21 -7.19 -6.51
N ASN A 18 26.09 -8.11 -7.46
CA ASN A 18 25.08 -9.16 -7.41
C ASN A 18 25.17 -10.10 -6.22
N LYS A 19 26.34 -10.23 -5.61
CA LYS A 19 26.51 -10.98 -4.36
C LYS A 19 25.71 -10.33 -3.21
N GLN A 20 25.51 -9.03 -3.29
CA GLN A 20 24.91 -8.24 -2.25
C GLN A 20 23.37 -8.34 -2.30
N ARG A 21 22.78 -9.04 -1.33
CA ARG A 21 21.34 -9.34 -1.23
C ARG A 21 20.81 -9.03 0.19
N MET A 22 19.53 -8.70 0.31
CA MET A 22 18.93 -8.64 1.66
C MET A 22 18.50 -10.05 2.13
N PRO A 23 18.99 -10.50 3.32
CA PRO A 23 18.68 -11.85 3.74
C PRO A 23 17.22 -12.07 4.08
N GLN A 24 16.74 -13.26 3.75
CA GLN A 24 15.32 -13.57 3.84
C GLN A 24 14.80 -13.66 5.23
N GLU A 25 15.63 -13.98 6.20
CA GLU A 25 15.18 -13.97 7.58
C GLU A 25 14.82 -12.52 7.97
N ILE A 26 15.51 -11.56 7.36
CA ILE A 26 15.18 -10.17 7.60
C ILE A 26 13.89 -9.81 6.92
N THR A 27 13.74 -10.08 5.63
CA THR A 27 12.46 -9.75 4.97
C THR A 27 11.25 -10.50 5.53
N ASN A 28 11.43 -11.73 6.01
CA ASN A 28 10.35 -12.45 6.66
C ASN A 28 9.78 -11.65 7.83
N LYS A 29 10.61 -10.93 8.58
CA LYS A 29 10.10 -10.11 9.70
C LYS A 29 9.07 -9.10 9.23
N ILE A 30 9.28 -8.54 8.03
CA ILE A 30 8.31 -7.61 7.43
C ILE A 30 6.91 -8.22 7.38
N LEU A 31 6.80 -9.52 7.08
CA LEU A 31 5.49 -10.21 7.00
C LEU A 31 5.02 -10.83 8.30
N LYS A 32 5.96 -11.37 9.07
CA LYS A 32 5.68 -12.19 10.23
C LYS A 32 5.44 -11.37 11.52
N GLU A 33 6.33 -10.42 11.81
CA GLU A 33 6.45 -9.84 13.16
C GLU A 33 5.25 -8.99 13.63
N GLU A 34 5.06 -8.94 14.95
CA GLU A 34 4.07 -8.07 15.63
C GLU A 34 4.26 -6.60 15.23
N PHE A 35 3.14 -5.88 15.13
CA PHE A 35 3.09 -4.53 14.59
C PHE A 35 2.97 -3.48 15.70
N SER A 36 4.10 -2.87 16.02
CA SER A 36 4.11 -1.73 16.91
C SER A 36 5.38 -0.99 16.65
N ALA A 37 5.43 0.23 17.18
CA ALA A 37 6.53 1.15 17.00
C ALA A 37 7.88 0.58 17.38
N GLU A 38 7.95 -0.04 18.56
CA GLU A 38 9.20 -0.67 19.05
C GLU A 38 9.60 -1.79 18.07
N GLU A 39 8.75 -2.79 17.89
CA GLU A 39 9.07 -3.90 16.97
C GLU A 39 9.36 -3.43 15.52
N ASN A 40 8.70 -2.36 15.09
CA ASN A 40 8.91 -1.81 13.74
C ASN A 40 10.26 -1.15 13.66
N PHE A 41 10.60 -0.35 14.68
CA PHE A 41 11.93 0.26 14.80
C PHE A 41 13.05 -0.78 14.84
N LEU A 42 12.80 -1.90 15.51
CA LEU A 42 13.79 -2.95 15.61
C LEU A 42 14.03 -3.53 14.30
N ILE A 43 12.99 -3.64 13.47
CA ILE A 43 13.14 -4.18 12.14
C ILE A 43 14.06 -3.32 11.28
N LEU A 44 13.75 -2.03 11.25
CA LEU A 44 14.49 -1.03 10.47
C LEU A 44 15.92 -1.02 10.91
N THR A 45 16.11 -1.07 12.20
CA THR A 45 17.43 -1.21 12.79
C THR A 45 18.19 -2.40 12.19
N GLU A 46 17.68 -3.60 12.28
CA GLU A 46 18.32 -4.73 11.61
C GLU A 46 18.63 -4.49 10.12
N MET A 47 17.74 -3.78 9.42
CA MET A 47 17.90 -3.60 7.99
C MET A 47 19.02 -2.61 7.75
N ALA A 48 19.00 -1.50 8.48
CA ALA A 48 20.07 -0.55 8.42
C ALA A 48 21.38 -1.27 8.68
N THR A 49 21.44 -2.09 9.73
CA THR A 49 22.72 -2.76 10.02
C THR A 49 23.18 -3.60 8.85
N ASN A 50 22.26 -4.36 8.26
CA ASN A 50 22.53 -5.14 7.04
C ASN A 50 22.98 -4.29 5.82
N HIS A 51 22.40 -3.08 5.67
CA HIS A 51 22.86 -2.13 4.65
C HIS A 51 24.38 -1.97 4.83
N VAL A 52 24.86 -1.81 6.05
CA VAL A 52 26.27 -1.58 6.24
C VAL A 52 27.11 -2.83 5.89
N GLN A 53 26.68 -4.01 6.30
CA GLN A 53 27.44 -5.24 6.00
C GLN A 53 27.66 -5.40 4.51
N VAL A 54 26.59 -5.25 3.76
CA VAL A 54 26.59 -5.36 2.31
C VAL A 54 27.44 -4.28 1.68
N LEU A 55 27.36 -3.04 2.15
CA LEU A 55 28.10 -2.02 1.48
C LEU A 55 29.61 -2.11 1.83
N VAL A 56 29.96 -2.63 3.03
CA VAL A 56 31.37 -2.89 3.36
C VAL A 56 31.94 -3.98 2.45
N GLU A 57 31.14 -5.01 2.23
CA GLU A 57 31.47 -6.07 1.31
C GLU A 57 31.67 -5.59 -0.12
N PHE A 58 30.86 -4.63 -0.57
CA PHE A 58 30.91 -4.11 -1.92
C PHE A 58 32.14 -3.23 -1.98
N THR A 59 32.24 -2.28 -1.07
CA THR A 59 33.39 -1.39 -1.02
C THR A 59 34.72 -2.15 -1.13
N LYS A 60 34.84 -3.20 -0.35
CA LYS A 60 36.04 -4.07 -0.34
C LYS A 60 36.47 -4.59 -1.72
N LYS A 61 35.50 -4.97 -2.55
CA LYS A 61 35.78 -5.59 -3.85
C LYS A 61 35.91 -4.58 -4.97
N LEU A 62 35.70 -3.29 -4.69
CA LEU A 62 35.77 -2.27 -5.70
C LEU A 62 37.18 -2.18 -6.28
N PRO A 63 37.29 -2.07 -7.62
CA PRO A 63 38.59 -2.01 -8.29
C PRO A 63 39.36 -0.76 -7.91
N GLY A 64 40.58 -1.01 -7.39
CA GLY A 64 41.47 0.00 -6.90
C GLY A 64 41.40 0.16 -5.40
N PHE A 65 40.26 -0.16 -4.76
CA PHE A 65 40.02 0.21 -3.34
C PHE A 65 41.12 -0.22 -2.38
N GLN A 66 41.63 -1.46 -2.49
CA GLN A 66 42.81 -1.96 -1.69
C GLN A 66 44.15 -1.20 -1.96
N THR A 67 44.30 -0.62 -3.15
CA THR A 67 45.45 0.26 -3.44
C THR A 67 45.44 1.65 -2.73
N LEU A 68 44.38 2.00 -1.98
CA LEU A 68 44.31 3.28 -1.25
C LEU A 68 44.86 3.12 0.17
N ASP A 69 45.31 4.26 0.73
CA ASP A 69 45.81 4.39 2.11
C ASP A 69 44.78 3.82 3.07
N HIS A 70 45.23 3.06 4.05
CA HIS A 70 44.31 2.44 5.02
C HIS A 70 43.42 3.46 5.77
N GLU A 71 43.92 4.65 6.05
CA GLU A 71 43.09 5.65 6.72
C GLU A 71 42.01 6.13 5.74
N ASP A 72 42.43 6.42 4.51
CA ASP A 72 41.54 6.97 3.55
C ASP A 72 40.44 5.97 3.28
N GLN A 73 40.76 4.68 3.24
CA GLN A 73 39.68 3.71 3.02
C GLN A 73 38.56 3.77 4.05
N ILE A 74 38.91 3.96 5.31
CA ILE A 74 37.93 4.16 6.40
C ILE A 74 37.18 5.50 6.26
N ALA A 75 37.93 6.56 5.97
CA ALA A 75 37.29 7.84 5.74
C ALA A 75 36.22 7.74 4.63
N LEU A 76 36.51 7.05 3.53
CA LEU A 76 35.47 6.87 2.48
C LEU A 76 34.27 6.02 2.93
N LEU A 77 34.53 5.01 3.74
CA LEU A 77 33.47 4.12 4.24
C LEU A 77 32.50 4.85 5.16
N LYS A 78 33.06 5.57 6.13
CA LYS A 78 32.24 6.35 7.04
C LYS A 78 31.65 7.56 6.28
N GLY A 79 32.44 8.13 5.37
CA GLY A 79 31.99 9.31 4.58
C GLY A 79 30.76 9.05 3.75
N SER A 80 30.71 7.88 3.13
CA SER A 80 29.70 7.56 2.18
C SER A 80 28.56 6.77 2.75
N ALA A 81 28.65 6.38 4.02
CA ALA A 81 27.73 5.38 4.57
C ALA A 81 26.30 5.77 4.41
N VAL A 82 25.95 6.99 4.83
CA VAL A 82 24.52 7.43 4.83
C VAL A 82 23.93 7.43 3.42
N GLU A 83 24.65 8.09 2.50
CA GLU A 83 24.26 8.18 1.09
C GLU A 83 24.13 6.80 0.52
N ALA A 84 25.20 6.01 0.59
CA ALA A 84 25.17 4.63 0.14
C ALA A 84 23.98 3.86 0.70
N MET A 85 23.73 3.93 2.01
CA MET A 85 22.67 3.10 2.60
C MET A 85 21.31 3.50 2.11
N PHE A 86 21.03 4.81 1.99
CA PHE A 86 19.72 5.18 1.51
C PHE A 86 19.55 4.69 0.14
N LEU A 87 20.61 4.69 -0.66
CA LEU A 87 20.51 4.34 -2.08
C LEU A 87 20.11 2.89 -2.24
N ARG A 88 20.74 2.06 -1.44
CA ARG A 88 20.47 0.65 -1.41
C ARG A 88 19.03 0.36 -0.98
N SER A 89 18.59 0.98 0.10
CA SER A 89 17.17 0.87 0.48
C SER A 89 16.18 1.26 -0.65
N ALA A 90 16.54 2.26 -1.46
CA ALA A 90 15.70 2.69 -2.56
C ALA A 90 15.64 1.64 -3.62
N GLU A 91 16.80 1.03 -3.90
CA GLU A 91 16.81 -0.11 -4.81
C GLU A 91 15.91 -1.25 -4.25
N ILE A 92 16.05 -1.56 -2.96
CA ILE A 92 15.26 -2.60 -2.33
C ILE A 92 13.84 -2.13 -1.98
N PHE A 93 13.38 -0.96 -2.38
CA PHE A 93 11.97 -0.64 -2.25
C PHE A 93 11.28 -0.62 -3.60
N ASN A 94 11.93 0.00 -4.57
CA ASN A 94 11.44 0.12 -5.92
C ASN A 94 11.54 -1.21 -6.68
N LYS A 95 12.69 -1.86 -6.60
CA LYS A 95 12.94 -3.14 -7.20
C LYS A 95 13.17 -4.12 -6.01
N SER A 99 8.07 -7.18 -3.51
CA SER A 99 6.77 -7.66 -4.05
C SER A 99 5.42 -6.93 -3.62
N GLY A 100 4.51 -7.52 -2.80
CA GLY A 100 3.35 -6.78 -2.16
C GLY A 100 3.73 -6.34 -0.74
N HIS A 101 5.00 -6.61 -0.38
CA HIS A 101 5.65 -6.33 0.91
C HIS A 101 6.16 -4.88 1.07
N SER A 102 6.34 -4.17 -0.04
CA SER A 102 6.73 -2.75 0.00
C SER A 102 5.67 -2.03 0.83
N ASP A 103 4.40 -2.32 0.53
CA ASP A 103 3.27 -1.80 1.29
C ASP A 103 3.37 -2.06 2.80
N LEU A 104 3.58 -3.28 3.24
CA LEU A 104 3.69 -3.53 4.68
C LEU A 104 4.97 -2.92 5.33
N LEU A 105 6.02 -2.82 4.53
CA LEU A 105 7.25 -2.18 4.98
C LEU A 105 7.03 -0.68 5.16
N GLU A 106 6.38 -0.05 4.18
CA GLU A 106 6.08 1.37 4.24
C GLU A 106 5.28 1.69 5.50
N GLU A 107 4.24 0.91 5.75
CA GLU A 107 3.43 1.03 6.93
C GLU A 107 4.19 0.79 8.24
N ARG A 108 5.12 -0.16 8.24
CA ARG A 108 6.01 -0.34 9.38
C ARG A 108 6.89 0.90 9.55
N ILE A 109 7.49 1.36 8.45
CA ILE A 109 8.27 2.61 8.46
C ILE A 109 7.49 3.83 9.03
N ARG A 110 6.21 3.96 8.66
CA ARG A 110 5.34 5.09 9.09
C ARG A 110 4.68 4.94 10.48
N ASN A 111 4.91 3.79 11.13
CA ASN A 111 4.42 3.54 12.47
C ASN A 111 5.59 2.92 13.22
N SER A 112 6.73 3.60 13.20
CA SER A 112 7.97 3.17 13.88
C SER A 112 8.54 4.20 14.84
N GLY A 113 7.81 5.27 15.12
CA GLY A 113 8.33 6.34 15.98
C GLY A 113 9.29 7.30 15.31
N ILE A 114 9.43 7.25 13.98
CA ILE A 114 10.26 8.22 13.30
C ILE A 114 9.34 9.28 12.82
N SER A 115 9.67 10.54 12.99
CA SER A 115 8.73 11.59 12.69
C SER A 115 8.69 11.81 11.19
N ASP A 116 7.57 12.30 10.69
CA ASP A 116 7.37 12.54 9.27
C ASP A 116 8.38 13.50 8.60
N GLU A 117 9.13 14.31 9.36
CA GLU A 117 10.05 15.24 8.67
C GLU A 117 11.21 14.51 8.01
N TYR A 118 11.45 13.28 8.49
CA TYR A 118 12.39 12.36 7.91
C TYR A 118 11.77 11.39 6.92
N ILE A 119 10.74 10.66 7.36
CA ILE A 119 9.97 9.76 6.47
C ILE A 119 9.51 10.40 5.15
N THR A 120 9.01 11.63 5.18
CA THR A 120 8.46 12.21 3.94
C THR A 120 9.50 12.30 2.79
N PRO A 121 10.69 12.87 3.02
CA PRO A 121 11.64 12.93 1.90
C PRO A 121 12.33 11.61 1.59
N MET A 122 12.28 10.64 2.51
CA MET A 122 12.73 9.28 2.19
C MET A 122 11.91 8.75 1.02
N PHE A 123 10.59 8.86 1.14
CA PHE A 123 9.68 8.35 0.13
C PHE A 123 9.67 9.19 -1.16
N SER A 124 9.85 10.52 -1.05
CA SER A 124 9.99 11.38 -2.26
C SER A 124 11.18 10.94 -3.07
N PHE A 125 12.32 10.75 -2.39
CA PHE A 125 13.50 10.20 -2.98
C PHE A 125 13.24 8.87 -3.65
N TYR A 126 12.50 7.97 -2.98
CA TYR A 126 12.28 6.66 -3.63
C TYR A 126 11.49 6.82 -4.95
N LYS A 127 10.47 7.70 -4.94
CA LYS A 127 9.71 7.96 -6.15
C LYS A 127 10.64 8.63 -7.19
N SER A 128 11.41 9.61 -6.72
CA SER A 128 12.27 10.43 -7.58
C SER A 128 13.25 9.51 -8.33
N ILE A 129 13.94 8.65 -7.59
CA ILE A 129 14.86 7.70 -8.21
C ILE A 129 14.12 6.58 -9.01
N GLY A 130 12.94 6.20 -8.58
CA GLY A 130 12.18 5.19 -9.28
C GLY A 130 11.68 5.61 -10.66
N GLU A 131 11.49 6.89 -10.86
CA GLU A 131 11.09 7.44 -12.17
C GLU A 131 12.20 7.37 -13.21
N LEU A 132 13.45 7.18 -12.78
CA LEU A 132 14.53 7.03 -13.71
C LEU A 132 14.60 5.64 -14.33
N LYS A 133 13.94 4.66 -13.74
CA LYS A 133 13.86 3.34 -14.37
C LYS A 133 15.27 2.74 -14.56
N MET A 134 16.09 2.82 -13.52
CA MET A 134 17.48 2.47 -13.61
C MET A 134 17.66 0.96 -13.66
N THR A 135 18.59 0.53 -14.50
CA THR A 135 18.95 -0.85 -14.52
C THR A 135 19.84 -1.13 -13.35
N GLN A 136 20.05 -2.42 -13.10
CA GLN A 136 20.91 -2.91 -12.03
C GLN A 136 22.33 -2.37 -12.14
N GLU A 137 22.76 -2.26 -13.38
CA GLU A 137 24.08 -1.85 -13.72
C GLU A 137 24.23 -0.38 -13.38
N GLU A 138 23.20 0.40 -13.62
CA GLU A 138 23.21 1.81 -13.24
C GLU A 138 23.27 1.95 -11.71
N TYR A 139 22.40 1.26 -11.01
CA TYR A 139 22.51 1.28 -9.56
C TYR A 139 23.93 0.94 -9.05
N ALA A 140 24.56 -0.09 -9.60
CA ALA A 140 25.83 -0.56 -9.09
C ALA A 140 26.93 0.45 -9.29
N LEU A 141 26.91 1.08 -10.45
CA LEU A 141 27.91 2.12 -10.75
C LEU A 141 27.70 3.37 -9.95
N LEU A 142 26.46 3.88 -9.89
CA LEU A 142 26.13 4.90 -8.91
C LEU A 142 26.63 4.66 -7.50
N THR A 143 26.48 3.43 -6.99
CA THR A 143 26.87 3.09 -5.63
C THR A 143 28.39 3.18 -5.48
N ALA A 144 29.12 2.61 -6.45
CA ALA A 144 30.58 2.79 -6.52
C ALA A 144 31.00 4.29 -6.63
N ILE A 145 30.27 5.05 -7.42
CA ILE A 145 30.52 6.46 -7.60
C ILE A 145 30.33 7.24 -6.28
N VAL A 146 29.22 6.99 -5.56
CA VAL A 146 29.00 7.55 -4.23
C VAL A 146 30.12 7.18 -3.23
N ILE A 147 30.41 5.88 -3.14
CA ILE A 147 31.42 5.34 -2.19
C ILE A 147 32.80 5.89 -2.44
N LEU A 148 33.18 6.10 -3.68
CA LEU A 148 34.49 6.62 -4.02
C LEU A 148 34.44 8.13 -4.29
N SER A 149 33.74 8.85 -3.41
CA SER A 149 33.70 10.28 -3.54
C SER A 149 34.97 10.87 -2.94
N PRO A 150 35.71 11.67 -3.72
CA PRO A 150 36.86 12.37 -3.19
C PRO A 150 36.54 13.52 -2.25
N ASP A 151 35.27 13.89 -2.08
CA ASP A 151 34.89 15.07 -1.34
C ASP A 151 34.58 14.83 0.14
N ARG A 152 34.77 13.62 0.64
CA ARG A 152 34.48 13.30 2.03
C ARG A 152 35.48 13.90 3.00
N GLN A 153 35.00 14.13 4.23
CA GLN A 153 35.83 14.56 5.36
C GLN A 153 37.06 13.66 5.55
N TYR A 154 38.21 14.24 5.90
CA TYR A 154 39.45 13.52 6.37
C TYR A 154 40.29 12.76 5.34
N ILE A 155 39.94 12.79 4.06
CA ILE A 155 40.78 12.15 3.04
C ILE A 155 42.16 12.86 2.90
N LYS A 156 43.21 12.07 3.04
CA LYS A 156 44.56 12.56 2.88
C LYS A 156 44.86 12.76 1.42
N ASP A 157 44.66 11.73 0.64
CA ASP A 157 45.06 11.75 -0.76
C ASP A 157 43.82 11.71 -1.64
N ARG A 158 43.23 12.88 -1.87
CA ARG A 158 42.01 13.01 -2.69
C ARG A 158 42.18 12.59 -4.14
N GLU A 159 43.26 12.98 -4.80
CA GLU A 159 43.45 12.68 -6.22
C GLU A 159 43.47 11.19 -6.50
N ALA A 160 44.01 10.39 -5.60
CA ALA A 160 44.00 8.94 -5.76
C ALA A 160 42.57 8.44 -5.84
N VAL A 161 41.67 9.10 -5.09
CA VAL A 161 40.26 8.71 -5.07
C VAL A 161 39.64 9.12 -6.37
N GLU A 162 39.93 10.34 -6.80
CA GLU A 162 39.43 10.84 -8.09
C GLU A 162 39.67 9.88 -9.26
N LYS A 163 40.83 9.23 -9.27
CA LYS A 163 41.26 8.47 -10.44
C LYS A 163 40.63 7.10 -10.49
N LEU A 164 40.03 6.66 -9.38
CA LEU A 164 39.17 5.50 -9.35
C LEU A 164 37.73 5.86 -9.66
N GLN A 165 37.30 7.06 -9.27
CA GLN A 165 35.93 7.49 -9.57
C GLN A 165 35.73 7.81 -11.06
N GLU A 166 36.68 8.49 -11.69
CA GLU A 166 36.50 8.97 -13.06
C GLU A 166 36.12 7.90 -14.07
N PRO A 167 36.82 6.76 -14.07
CA PRO A 167 36.39 5.70 -14.98
C PRO A 167 34.99 5.14 -14.68
N LEU A 168 34.53 5.19 -13.43
CA LEU A 168 33.19 4.72 -13.14
C LEU A 168 32.10 5.68 -13.69
N LEU A 169 32.44 6.96 -13.71
CA LEU A 169 31.57 7.97 -14.32
C LEU A 169 31.56 7.82 -15.85
N ASP A 170 32.70 7.54 -16.45
CA ASP A 170 32.77 7.33 -17.91
C ASP A 170 31.90 6.16 -18.31
N VAL A 171 32.08 5.02 -17.63
CA VAL A 171 31.26 3.81 -17.88
C VAL A 171 29.77 4.10 -17.65
N LEU A 172 29.44 4.73 -16.54
CA LEU A 172 28.03 5.02 -16.24
C LEU A 172 27.39 5.85 -17.34
N GLN A 173 28.10 6.86 -17.81
CA GLN A 173 27.62 7.69 -18.92
C GLN A 173 27.30 6.89 -20.21
N LYS A 174 28.19 5.96 -20.57
CA LYS A 174 27.98 5.05 -21.73
C LYS A 174 26.77 4.15 -21.50
N LEU A 175 26.60 3.68 -20.26
CA LEU A 175 25.45 2.86 -19.93
C LEU A 175 24.12 3.60 -20.05
N CYS A 176 24.15 4.89 -19.76
CA CYS A 176 22.96 5.72 -19.90
C CYS A 176 22.60 5.88 -21.37
N LYS A 177 23.61 6.03 -22.26
CA LYS A 177 23.35 5.95 -23.70
C LYS A 177 22.82 4.57 -24.17
N ILE A 178 23.44 3.50 -23.67
CA ILE A 178 23.09 2.14 -24.05
C ILE A 178 21.70 1.78 -23.59
N HIS A 179 21.41 1.97 -22.32
CA HIS A 179 20.13 1.52 -21.75
C HIS A 179 18.94 2.43 -22.06
N GLN A 180 19.20 3.74 -22.26
CA GLN A 180 18.15 4.75 -22.49
C GLN A 180 18.57 5.77 -23.56
N PRO A 181 18.62 5.34 -24.84
CA PRO A 181 19.10 6.18 -25.94
C PRO A 181 18.13 7.30 -26.35
N GLU A 182 16.85 6.95 -26.35
CA GLU A 182 15.65 7.84 -26.22
C GLU A 182 15.81 9.05 -25.32
N ASN A 183 16.55 8.89 -24.21
CA ASN A 183 16.62 9.92 -23.17
C ASN A 183 17.98 10.54 -23.07
N PRO A 184 18.27 11.57 -23.90
CA PRO A 184 19.65 12.08 -23.92
C PRO A 184 20.08 12.76 -22.63
N GLN A 185 19.13 13.21 -21.83
CA GLN A 185 19.47 13.89 -20.61
C GLN A 185 19.45 12.93 -19.42
N HIS A 186 19.56 11.61 -19.62
CA HIS A 186 19.34 10.61 -18.52
C HIS A 186 20.52 10.56 -17.48
N PHE A 187 21.76 10.65 -17.98
CA PHE A 187 22.93 10.65 -17.15
C PHE A 187 22.94 11.88 -16.31
N ALA A 188 22.78 13.02 -16.97
CA ALA A 188 22.68 14.27 -16.21
C ALA A 188 21.62 14.12 -15.05
N CYS A 189 20.46 13.55 -15.40
CA CYS A 189 19.35 13.28 -14.47
C CYS A 189 19.75 12.36 -13.28
N LEU A 190 20.53 11.32 -13.52
CA LEU A 190 21.18 10.57 -12.41
C LEU A 190 22.09 11.42 -11.54
N LEU A 191 22.93 12.25 -12.14
CA LEU A 191 23.75 13.16 -11.32
C LEU A 191 22.87 14.08 -10.45
N GLY A 192 21.74 14.51 -10.97
CA GLY A 192 20.81 15.26 -10.19
C GLY A 192 20.23 14.51 -9.01
N ARG A 193 19.88 13.24 -9.20
CA ARG A 193 19.44 12.48 -8.07
C ARG A 193 20.56 12.35 -7.00
N LEU A 194 21.82 12.32 -7.39
CA LEU A 194 22.90 12.32 -6.37
C LEU A 194 22.89 13.60 -5.56
N THR A 195 22.50 14.71 -6.17
CA THR A 195 22.27 15.95 -5.43
C THR A 195 21.18 15.79 -4.40
N GLU A 196 20.03 15.22 -4.82
CA GLU A 196 18.96 14.89 -3.90
C GLU A 196 19.47 13.93 -2.76
N LEU A 197 20.34 12.99 -3.10
CA LEU A 197 20.80 11.97 -2.15
C LEU A 197 21.67 12.56 -1.08
N ARG A 198 22.51 13.53 -1.42
CA ARG A 198 23.44 14.18 -0.43
C ARG A 198 22.69 14.94 0.68
N THR A 199 21.44 15.31 0.44
CA THR A 199 20.66 16.03 1.43
C THR A 199 20.37 15.16 2.66
N PHE A 200 20.37 13.85 2.52
CA PHE A 200 20.12 12.99 3.68
C PHE A 200 21.25 12.96 4.69
N ASN A 201 22.45 13.42 4.34
CA ASN A 201 23.51 13.57 5.35
C ASN A 201 23.07 14.50 6.49
N HIS A 202 22.30 15.55 6.18
CA HIS A 202 21.75 16.42 7.24
C HIS A 202 20.54 15.81 7.93
N HIS A 203 19.64 15.20 7.16
CA HIS A 203 18.48 14.50 7.76
C HIS A 203 18.93 13.43 8.76
N HIS A 204 19.94 12.66 8.38
CA HIS A 204 20.56 11.66 9.22
C HIS A 204 21.18 12.19 10.53
N ALA A 205 22.02 13.24 10.41
CA ALA A 205 22.71 13.81 11.59
C ALA A 205 21.71 14.30 12.64
N GLU A 206 20.60 14.84 12.18
CA GLU A 206 19.51 15.25 13.06
C GLU A 206 18.82 14.10 13.77
N MET A 207 18.42 13.08 13.01
CA MET A 207 17.81 11.89 13.61
C MET A 207 18.72 11.34 14.66
N LEU A 208 19.96 11.09 14.34
CA LEU A 208 20.90 10.62 15.37
C LEU A 208 20.73 11.36 16.69
N MET A 209 20.64 12.67 16.60
CA MET A 209 20.36 13.48 17.77
C MET A 209 18.99 13.17 18.41
N SER A 210 17.94 13.07 17.58
CA SER A 210 16.55 13.05 18.05
C SER A 210 16.26 11.98 19.10
N TRP A 211 15.30 12.31 19.97
CA TRP A 211 14.94 11.57 21.20
C TRP A 211 14.38 10.16 20.93
N ARG A 212 13.50 10.08 19.94
CA ARG A 212 13.00 8.81 19.33
C ARG A 212 13.96 8.25 18.26
N VAL A 213 15.25 8.59 18.38
CA VAL A 213 16.38 7.95 17.65
C VAL A 213 17.68 7.82 18.50
N ASN A 214 17.99 8.77 19.39
CA ASN A 214 19.14 8.67 20.33
C ASN A 214 18.99 7.67 21.51
N ASP A 215 17.75 7.47 21.95
CA ASP A 215 17.47 6.61 23.12
C ASP A 215 17.15 5.14 22.71
N HIS A 216 17.77 4.72 21.60
CA HIS A 216 17.86 3.34 21.13
C HIS A 216 19.36 3.04 21.12
N LYS A 217 19.76 1.79 21.40
CA LYS A 217 21.18 1.36 21.37
C LYS A 217 21.43 0.66 20.04
N PHE A 218 22.12 1.35 19.12
CA PHE A 218 22.25 0.85 17.75
C PHE A 218 23.17 -0.36 17.74
N THR A 219 23.07 -1.25 16.75
CA THR A 219 23.97 -2.41 16.73
C THR A 219 25.43 -1.87 16.69
N PRO A 220 26.45 -2.69 17.00
CA PRO A 220 27.86 -2.29 16.93
C PRO A 220 28.36 -1.66 15.64
N LEU A 221 28.13 -2.35 14.52
CA LEU A 221 28.47 -1.85 13.18
C LEU A 221 27.88 -0.42 12.92
N LEU A 222 26.61 -0.23 13.28
CA LEU A 222 25.98 1.08 13.25
C LEU A 222 26.69 2.19 14.10
N CYS A 223 26.93 1.94 15.39
CA CYS A 223 27.65 2.91 16.27
C CYS A 223 29.01 3.24 15.69
N GLU A 224 29.68 2.26 15.10
CA GLU A 224 31.01 2.51 14.54
C GLU A 224 30.98 3.25 13.22
N ILE A 225 30.05 2.92 12.32
CA ILE A 225 30.07 3.52 10.99
C ILE A 225 29.59 4.98 11.06
N TRP A 226 28.70 5.31 12.03
CA TRP A 226 27.96 6.60 12.13
C TRP A 226 28.56 7.52 13.20
N ASP A 227 29.75 7.23 13.70
CA ASP A 227 30.38 8.02 14.77
C ASP A 227 29.52 8.38 15.99
N VAL A 228 28.79 7.40 16.50
CA VAL A 228 28.01 7.60 17.72
C VAL A 228 28.91 7.84 18.96
N GLU B 1 -38.14 19.79 -5.84
CA GLU B 1 -36.98 20.07 -4.93
C GLU B 1 -37.45 20.44 -3.51
N LEU B 2 -36.92 19.74 -2.50
CA LEU B 2 -37.06 20.12 -1.09
C LEU B 2 -38.53 20.01 -0.62
N THR B 3 -39.03 18.78 -0.41
CA THR B 3 -40.40 18.58 0.12
C THR B 3 -40.35 18.24 1.62
N PRO B 4 -41.36 18.65 2.42
CA PRO B 4 -41.32 18.32 3.87
C PRO B 4 -41.39 16.84 4.20
N ASP B 5 -42.27 16.11 3.53
CA ASP B 5 -42.41 14.66 3.72
C ASP B 5 -41.16 13.90 3.20
N GLN B 6 -40.59 14.38 2.11
CA GLN B 6 -39.33 13.83 1.56
C GLN B 6 -38.13 14.02 2.52
N GLN B 7 -38.07 15.14 3.22
CA GLN B 7 -36.94 15.49 4.11
C GLN B 7 -37.01 14.76 5.46
N THR B 8 -38.21 14.50 5.96
CA THR B 8 -38.39 13.66 7.11
C THR B 8 -37.91 12.25 6.84
N LEU B 9 -38.33 11.71 5.68
CA LEU B 9 -37.94 10.36 5.21
C LEU B 9 -36.43 10.22 5.10
N LEU B 10 -35.77 11.22 4.52
CA LEU B 10 -34.31 11.17 4.34
C LEU B 10 -33.60 11.18 5.69
N HIS B 11 -33.93 12.15 6.53
CA HIS B 11 -33.36 12.23 7.88
C HIS B 11 -33.54 10.89 8.60
N PHE B 12 -34.66 10.22 8.35
CA PHE B 12 -34.89 8.87 8.88
C PHE B 12 -33.90 7.87 8.28
N ILE B 13 -33.71 7.91 6.96
CA ILE B 13 -32.68 7.10 6.28
C ILE B 13 -31.30 7.37 6.88
N MET B 14 -30.93 8.65 6.98
CA MET B 14 -29.56 9.05 7.42
C MET B 14 -29.31 8.73 8.86
N ASP B 15 -30.34 8.91 9.68
CA ASP B 15 -30.29 8.54 11.10
C ASP B 15 -29.87 7.09 11.24
N SER B 16 -30.24 6.24 10.26
CA SER B 16 -29.93 4.82 10.30
C SER B 16 -28.58 4.49 9.64
N TYR B 17 -28.24 5.23 8.60
CA TYR B 17 -27.01 5.03 7.84
C TYR B 17 -25.74 5.44 8.54
N ASN B 18 -25.78 6.53 9.31
CA ASN B 18 -24.61 7.00 10.05
C ASN B 18 -24.46 6.26 11.37
N LYS B 19 -25.45 5.49 11.79
CA LYS B 19 -25.27 4.52 12.88
C LYS B 19 -24.30 3.38 12.48
N GLN B 20 -24.00 3.23 11.17
CA GLN B 20 -23.24 2.10 10.62
C GLN B 20 -21.78 2.46 10.39
N ARG B 21 -20.86 1.66 10.93
CA ARG B 21 -19.41 1.89 10.83
C ARG B 21 -18.74 0.52 10.89
N MET B 22 -17.64 0.36 10.16
CA MET B 22 -16.81 -0.85 10.32
C MET B 22 -16.03 -0.73 11.63
N PRO B 23 -16.25 -1.66 12.57
CA PRO B 23 -15.57 -1.50 13.85
C PRO B 23 -14.06 -1.39 13.70
N GLN B 24 -13.48 -0.69 14.65
CA GLN B 24 -12.09 -0.31 14.59
C GLN B 24 -11.17 -1.50 14.83
N GLU B 25 -11.60 -2.43 15.68
CA GLU B 25 -10.84 -3.67 15.85
C GLU B 25 -10.61 -4.41 14.49
N ILE B 26 -11.51 -4.23 13.51
CA ILE B 26 -11.38 -4.84 12.20
C ILE B 26 -10.46 -4.04 11.30
N THR B 27 -10.52 -2.72 11.36
CA THR B 27 -9.66 -1.90 10.47
C THR B 27 -8.18 -1.79 10.93
N ASN B 28 -7.89 -2.09 12.21
CA ASN B 28 -6.51 -2.24 12.69
C ASN B 28 -5.87 -3.48 12.17
N LYS B 29 -6.65 -4.55 12.00
CA LYS B 29 -6.12 -5.80 11.43
C LYS B 29 -5.43 -5.58 10.07
N ILE B 30 -5.89 -4.62 9.27
CA ILE B 30 -5.25 -4.32 7.99
C ILE B 30 -3.76 -4.00 8.22
N LEU B 31 -3.47 -3.30 9.32
CA LEU B 31 -2.07 -2.95 9.71
C LEU B 31 -1.40 -4.05 10.53
N LYS B 32 -2.12 -4.50 11.55
CA LYS B 32 -1.54 -5.26 12.64
C LYS B 32 -1.40 -6.75 12.41
N GLU B 33 -2.25 -7.36 11.59
CA GLU B 33 -2.18 -8.80 11.34
C GLU B 33 -1.01 -9.09 10.41
N GLU B 34 -0.60 -10.33 10.42
CA GLU B 34 0.59 -10.70 9.74
C GLU B 34 0.18 -11.11 8.32
N PHE B 35 1.10 -11.03 7.36
CA PHE B 35 0.74 -10.95 5.94
C PHE B 35 0.84 -12.30 5.24
N SER B 36 -0.28 -12.98 5.11
CA SER B 36 -0.32 -14.26 4.42
C SER B 36 -1.65 -14.45 3.73
N ALA B 37 -1.77 -15.50 2.92
CA ALA B 37 -3.02 -15.77 2.24
C ALA B 37 -4.11 -16.19 3.26
N GLU B 38 -3.79 -17.11 4.16
CA GLU B 38 -4.70 -17.48 5.27
C GLU B 38 -5.18 -16.25 6.04
N GLU B 39 -4.25 -15.41 6.46
CA GLU B 39 -4.56 -14.31 7.34
C GLU B 39 -5.30 -13.21 6.60
N ASN B 40 -4.93 -13.01 5.34
CA ASN B 40 -5.54 -12.02 4.50
C ASN B 40 -7.00 -12.33 4.17
N PHE B 41 -7.21 -13.54 3.68
CA PHE B 41 -8.52 -14.02 3.36
C PHE B 41 -9.41 -13.93 4.59
N LEU B 42 -8.88 -14.40 5.73
CA LEU B 42 -9.58 -14.35 7.02
C LEU B 42 -9.99 -12.96 7.49
N ILE B 43 -9.19 -11.95 7.17
CA ILE B 43 -9.62 -10.57 7.35
C ILE B 43 -10.79 -10.24 6.41
N LEU B 44 -10.74 -10.74 5.17
CA LEU B 44 -11.82 -10.44 4.20
C LEU B 44 -13.07 -11.08 4.67
N THR B 45 -12.95 -12.32 5.14
CA THR B 45 -14.04 -13.05 5.79
C THR B 45 -14.66 -12.23 6.90
N GLU B 46 -13.84 -11.75 7.80
CA GLU B 46 -14.33 -11.02 8.95
C GLU B 46 -15.03 -9.71 8.54
N MET B 47 -14.60 -9.11 7.44
CA MET B 47 -15.14 -7.82 7.04
C MET B 47 -16.45 -8.06 6.36
N ALA B 48 -16.50 -9.10 5.54
CA ALA B 48 -17.73 -9.50 4.88
C ALA B 48 -18.82 -9.82 5.93
N THR B 49 -18.45 -10.52 7.01
CA THR B 49 -19.36 -10.78 8.12
C THR B 49 -19.93 -9.44 8.61
N ASN B 50 -19.06 -8.45 8.76
CA ASN B 50 -19.47 -7.15 9.23
C ASN B 50 -20.32 -6.41 8.18
N HIS B 51 -20.05 -6.60 6.88
CA HIS B 51 -20.95 -6.07 5.86
C HIS B 51 -22.41 -6.51 6.10
N VAL B 52 -22.62 -7.76 6.53
CA VAL B 52 -23.97 -8.28 6.69
C VAL B 52 -24.62 -7.79 8.00
N GLN B 53 -23.84 -7.67 9.07
CA GLN B 53 -24.38 -7.24 10.34
C GLN B 53 -24.95 -5.85 10.17
N VAL B 54 -24.07 -4.98 9.68
CA VAL B 54 -24.35 -3.60 9.29
C VAL B 54 -25.51 -3.45 8.29
N LEU B 55 -25.59 -4.31 7.28
CA LEU B 55 -26.70 -4.18 6.33
C LEU B 55 -28.05 -4.78 6.85
N VAL B 56 -28.01 -5.76 7.77
CA VAL B 56 -29.22 -6.18 8.46
C VAL B 56 -29.78 -5.02 9.33
N GLU B 57 -28.90 -4.45 10.16
CA GLU B 57 -29.23 -3.31 11.01
C GLU B 57 -29.81 -2.08 10.29
N PHE B 58 -29.34 -1.83 9.08
CA PHE B 58 -29.84 -0.73 8.27
C PHE B 58 -31.19 -1.13 7.69
N THR B 59 -31.22 -2.31 7.12
CA THR B 59 -32.43 -2.83 6.50
C THR B 59 -33.56 -2.74 7.51
N LYS B 60 -33.40 -3.25 8.73
CA LYS B 60 -34.53 -3.29 9.68
C LYS B 60 -35.15 -1.92 10.03
N LYS B 61 -34.38 -0.84 9.91
CA LYS B 61 -34.84 0.51 10.25
C LYS B 61 -35.25 1.28 9.00
N LEU B 62 -35.25 0.60 7.86
CA LEU B 62 -35.67 1.21 6.59
C LEU B 62 -37.18 1.47 6.75
N PRO B 63 -37.64 2.66 6.29
CA PRO B 63 -39.04 3.09 6.43
C PRO B 63 -40.01 2.23 5.61
N GLY B 64 -40.85 1.50 6.33
CA GLY B 64 -41.75 0.55 5.77
C GLY B 64 -41.41 -0.88 6.05
N PHE B 65 -40.15 -1.14 6.39
CA PHE B 65 -39.64 -2.50 6.31
C PHE B 65 -40.37 -3.45 7.22
N GLN B 66 -40.61 -3.02 8.46
CA GLN B 66 -41.30 -3.84 9.46
C GLN B 66 -42.77 -4.22 9.08
N THR B 67 -43.30 -3.67 7.98
CA THR B 67 -44.64 -4.01 7.50
C THR B 67 -44.77 -5.14 6.45
N LEU B 68 -43.67 -5.49 5.75
CA LEU B 68 -43.78 -6.07 4.41
C LEU B 68 -44.36 -7.49 4.25
N ASP B 69 -43.82 -8.39 5.07
CA ASP B 69 -44.19 -9.82 5.09
C ASP B 69 -42.96 -10.15 5.96
N HIS B 70 -42.82 -11.38 6.36
CA HIS B 70 -41.73 -11.81 7.18
C HIS B 70 -40.93 -12.55 6.11
N GLU B 71 -41.59 -13.29 5.25
CA GLU B 71 -40.86 -14.07 4.25
C GLU B 71 -40.28 -13.09 3.24
N ASP B 72 -41.08 -12.20 2.67
CA ASP B 72 -40.55 -11.31 1.62
C ASP B 72 -39.38 -10.44 2.07
N GLN B 73 -39.42 -9.99 3.30
CA GLN B 73 -38.37 -9.14 3.81
C GLN B 73 -37.06 -9.96 3.88
N ILE B 74 -37.17 -11.22 4.30
CA ILE B 74 -36.06 -12.16 4.20
C ILE B 74 -35.59 -12.31 2.77
N ALA B 75 -36.48 -12.53 1.83
CA ALA B 75 -36.08 -12.57 0.41
C ALA B 75 -35.36 -11.30 -0.11
N LEU B 76 -35.73 -10.13 0.42
CA LEU B 76 -35.00 -8.88 0.10
C LEU B 76 -33.58 -8.84 0.67
N LEU B 77 -33.45 -9.38 1.86
CA LEU B 77 -32.20 -9.35 2.61
C LEU B 77 -31.16 -10.22 1.93
N LYS B 78 -31.57 -11.45 1.66
CA LYS B 78 -30.80 -12.42 0.88
C LYS B 78 -30.58 -11.97 -0.56
N GLY B 79 -31.64 -11.52 -1.19
CA GLY B 79 -31.51 -11.07 -2.55
C GLY B 79 -30.55 -9.91 -2.74
N SER B 80 -30.44 -9.04 -1.74
CA SER B 80 -29.70 -7.80 -1.91
C SER B 80 -28.30 -7.88 -1.32
N ALA B 81 -28.04 -8.90 -0.54
CA ALA B 81 -26.81 -8.97 0.22
C ALA B 81 -25.60 -8.63 -0.64
N VAL B 82 -25.44 -9.32 -1.77
CA VAL B 82 -24.27 -9.20 -2.62
C VAL B 82 -24.11 -7.78 -3.15
N GLU B 83 -25.16 -7.24 -3.72
CA GLU B 83 -25.08 -5.86 -4.26
C GLU B 83 -24.71 -4.89 -3.13
N ALA B 84 -25.40 -5.04 -1.99
CA ALA B 84 -25.26 -4.14 -0.87
C ALA B 84 -23.87 -4.19 -0.32
N MET B 85 -23.35 -5.40 -0.10
CA MET B 85 -22.01 -5.63 0.46
C MET B 85 -20.90 -5.00 -0.37
N PHE B 86 -20.96 -5.15 -1.69
CA PHE B 86 -20.03 -4.48 -2.59
C PHE B 86 -20.12 -2.98 -2.54
N LEU B 87 -21.34 -2.46 -2.46
CA LEU B 87 -21.55 -1.01 -2.45
C LEU B 87 -21.03 -0.43 -1.13
N ARG B 88 -21.28 -1.13 -0.03
CA ARG B 88 -20.72 -0.69 1.22
C ARG B 88 -19.20 -0.68 1.19
N SER B 89 -18.57 -1.78 0.77
CA SER B 89 -17.10 -1.89 0.76
C SER B 89 -16.46 -0.88 -0.17
N ALA B 90 -17.16 -0.50 -1.24
CA ALA B 90 -16.73 0.62 -2.08
C ALA B 90 -16.68 1.96 -1.34
N GLU B 91 -17.74 2.27 -0.62
CA GLU B 91 -17.77 3.47 0.22
C GLU B 91 -16.62 3.45 1.26
N ILE B 92 -16.35 2.28 1.88
CA ILE B 92 -15.27 2.20 2.85
C ILE B 92 -13.93 2.35 2.15
N PHE B 93 -13.74 1.67 1.04
CA PHE B 93 -12.45 1.70 0.37
C PHE B 93 -12.12 3.13 -0.14
N ASN B 94 -13.17 3.86 -0.55
CA ASN B 94 -13.06 5.18 -1.18
C ASN B 94 -13.14 6.36 -0.21
N LYS B 95 -14.11 6.39 0.71
CA LYS B 95 -14.50 7.67 1.30
C LYS B 95 -13.71 8.09 2.60
N HIS B 101 -3.69 2.53 4.44
CA HIS B 101 -4.77 1.57 4.83
C HIS B 101 -5.48 0.89 3.67
N SER B 102 -6.00 1.67 2.73
CA SER B 102 -6.60 1.12 1.52
C SER B 102 -5.49 0.53 0.61
N ASP B 103 -4.33 1.16 0.57
CA ASP B 103 -3.17 0.57 -0.08
C ASP B 103 -2.85 -0.85 0.48
N LEU B 104 -2.66 -0.96 1.79
CA LEU B 104 -2.36 -2.28 2.40
C LEU B 104 -3.49 -3.28 2.25
N LEU B 105 -4.75 -2.78 2.27
CA LEU B 105 -5.91 -3.66 2.17
C LEU B 105 -6.01 -4.21 0.77
N GLU B 106 -5.80 -3.34 -0.22
CA GLU B 106 -5.79 -3.74 -1.60
C GLU B 106 -4.81 -4.86 -1.76
N GLU B 107 -3.59 -4.61 -1.34
CA GLU B 107 -2.54 -5.63 -1.40
C GLU B 107 -2.87 -6.97 -0.72
N ARG B 108 -3.31 -6.92 0.52
CA ARG B 108 -3.87 -8.09 1.20
C ARG B 108 -4.96 -8.80 0.40
N ILE B 109 -5.84 -8.00 -0.21
CA ILE B 109 -6.85 -8.55 -1.12
C ILE B 109 -6.20 -9.31 -2.25
N ARG B 110 -5.20 -8.70 -2.88
CA ARG B 110 -4.50 -9.35 -4.01
C ARG B 110 -3.54 -10.45 -3.61
N ASN B 111 -3.26 -10.60 -2.30
CA ASN B 111 -2.48 -11.72 -1.79
C ASN B 111 -3.28 -12.57 -0.79
N SER B 112 -4.50 -12.96 -1.18
CA SER B 112 -5.47 -13.71 -0.33
C SER B 112 -6.05 -14.95 -0.97
N GLY B 113 -5.37 -15.53 -1.95
CA GLY B 113 -5.83 -16.76 -2.55
C GLY B 113 -6.79 -16.56 -3.66
N ILE B 114 -7.49 -15.43 -3.68
CA ILE B 114 -8.65 -15.19 -4.56
C ILE B 114 -8.15 -14.91 -5.97
N SER B 115 -8.74 -15.59 -6.93
CA SER B 115 -8.41 -15.40 -8.30
C SER B 115 -8.60 -13.94 -8.74
N ASP B 116 -7.66 -13.50 -9.54
CA ASP B 116 -7.62 -12.18 -10.18
C ASP B 116 -8.89 -11.75 -10.96
N GLU B 117 -9.61 -12.71 -11.52
CA GLU B 117 -10.84 -12.40 -12.26
C GLU B 117 -11.98 -11.91 -11.38
N TYR B 118 -11.89 -12.14 -10.07
CA TYR B 118 -12.82 -11.57 -9.11
C TYR B 118 -12.30 -10.25 -8.58
N ILE B 119 -10.99 -10.15 -8.35
CA ILE B 119 -10.35 -8.94 -7.81
C ILE B 119 -10.49 -7.73 -8.75
N THR B 120 -10.15 -7.93 -10.04
CA THR B 120 -10.10 -6.86 -11.03
C THR B 120 -11.44 -6.20 -11.25
N PRO B 121 -12.48 -6.98 -11.56
CA PRO B 121 -13.77 -6.31 -11.72
C PRO B 121 -14.22 -5.56 -10.47
N MET B 122 -13.99 -6.12 -9.26
CA MET B 122 -14.21 -5.38 -8.01
C MET B 122 -13.57 -3.97 -8.01
N PHE B 123 -12.24 -3.94 -8.14
CA PHE B 123 -11.51 -2.69 -8.14
C PHE B 123 -11.91 -1.75 -9.29
N SER B 124 -12.22 -2.32 -10.45
CA SER B 124 -12.77 -1.50 -11.56
C SER B 124 -14.02 -0.77 -11.10
N PHE B 125 -14.86 -1.46 -10.34
CA PHE B 125 -16.11 -0.91 -9.83
C PHE B 125 -15.90 0.22 -8.81
N TYR B 126 -14.95 0.05 -7.88
CA TYR B 126 -14.68 1.12 -6.89
C TYR B 126 -14.17 2.39 -7.59
N LYS B 127 -13.25 2.21 -8.54
CA LYS B 127 -12.81 3.29 -9.41
C LYS B 127 -14.00 3.96 -10.13
N SER B 128 -14.88 3.15 -10.69
CA SER B 128 -16.07 3.67 -11.37
C SER B 128 -16.91 4.52 -10.41
N ILE B 129 -17.26 3.96 -9.25
CA ILE B 129 -18.07 4.68 -8.26
C ILE B 129 -17.31 5.90 -7.69
N GLY B 130 -16.01 5.78 -7.54
CA GLY B 130 -15.17 6.89 -7.09
C GLY B 130 -15.23 8.13 -7.97
N GLU B 131 -15.34 7.94 -9.29
CA GLU B 131 -15.45 9.05 -10.26
C GLU B 131 -16.66 9.93 -9.98
N LEU B 132 -17.77 9.31 -9.58
CA LEU B 132 -19.01 10.05 -9.26
C LEU B 132 -18.99 10.94 -8.02
N LYS B 133 -17.94 10.89 -7.19
CA LYS B 133 -17.82 11.79 -6.06
C LYS B 133 -19.14 11.95 -5.28
N MET B 134 -19.77 10.81 -4.99
CA MET B 134 -21.11 10.78 -4.39
C MET B 134 -21.09 11.19 -2.94
N THR B 135 -22.02 12.04 -2.53
CA THR B 135 -22.15 12.37 -1.10
C THR B 135 -22.59 11.17 -0.30
N GLN B 136 -22.51 11.28 1.03
CA GLN B 136 -23.00 10.23 1.91
C GLN B 136 -24.50 10.01 1.74
N GLU B 137 -25.21 11.08 1.42
CA GLU B 137 -26.64 11.01 1.23
C GLU B 137 -26.98 10.11 0.00
N GLU B 138 -26.18 10.25 -1.06
CA GLU B 138 -26.30 9.41 -2.23
C GLU B 138 -26.07 7.93 -1.90
N TYR B 139 -24.91 7.62 -1.33
CA TYR B 139 -24.62 6.22 -0.96
C TYR B 139 -25.80 5.59 -0.19
N ALA B 140 -26.30 6.32 0.81
CA ALA B 140 -27.31 5.79 1.72
C ALA B 140 -28.62 5.48 1.02
N LEU B 141 -29.01 6.37 0.11
CA LEU B 141 -30.26 6.23 -0.63
C LEU B 141 -30.10 5.05 -1.60
N LEU B 142 -29.08 5.09 -2.48
CA LEU B 142 -28.74 3.93 -3.35
C LEU B 142 -28.74 2.60 -2.60
N THR B 143 -28.20 2.60 -1.38
CA THR B 143 -28.22 1.39 -0.55
C THR B 143 -29.65 0.93 -0.27
N ALA B 144 -30.51 1.88 0.11
CA ALA B 144 -31.92 1.57 0.37
C ALA B 144 -32.66 1.05 -0.88
N ILE B 145 -32.31 1.65 -2.01
CA ILE B 145 -32.94 1.33 -3.26
C ILE B 145 -32.62 -0.12 -3.60
N VAL B 146 -31.31 -0.42 -3.66
CA VAL B 146 -30.78 -1.80 -3.74
C VAL B 146 -31.47 -2.75 -2.76
N ILE B 147 -31.48 -2.44 -1.46
CA ILE B 147 -32.12 -3.36 -0.51
C ILE B 147 -33.64 -3.57 -0.83
N LEU B 148 -34.32 -2.53 -1.29
CA LEU B 148 -35.75 -2.65 -1.61
C LEU B 148 -35.95 -2.78 -3.12
N SER B 149 -35.26 -3.75 -3.71
CA SER B 149 -35.53 -4.14 -5.09
C SER B 149 -36.80 -5.05 -5.15
N PRO B 150 -37.86 -4.61 -5.90
CA PRO B 150 -39.09 -5.42 -6.08
C PRO B 150 -38.89 -6.59 -7.05
N ASP B 151 -38.02 -6.40 -8.05
CA ASP B 151 -37.65 -7.44 -9.01
C ASP B 151 -36.49 -8.23 -8.45
N ARG B 152 -36.78 -9.03 -7.43
CA ARG B 152 -35.80 -10.00 -6.94
C ARG B 152 -36.47 -11.18 -6.31
N GLN B 153 -35.73 -12.27 -6.17
CA GLN B 153 -36.39 -13.57 -6.17
C GLN B 153 -37.16 -13.97 -4.90
N TYR B 154 -38.21 -14.76 -5.15
CA TYR B 154 -39.12 -15.30 -4.15
C TYR B 154 -40.08 -14.28 -3.52
N ILE B 155 -40.20 -13.08 -4.10
CA ILE B 155 -41.04 -12.03 -3.47
C ILE B 155 -42.49 -12.27 -3.87
N LYS B 156 -43.29 -12.74 -2.91
CA LYS B 156 -44.75 -12.82 -3.07
C LYS B 156 -45.34 -11.46 -3.46
N ASP B 157 -45.18 -10.45 -2.61
CA ASP B 157 -45.86 -9.17 -2.76
C ASP B 157 -44.89 -8.09 -3.24
N ARG B 158 -44.84 -7.93 -4.57
CA ARG B 158 -43.85 -7.09 -5.24
C ARG B 158 -44.18 -5.61 -5.38
N GLU B 159 -45.46 -5.25 -5.32
CA GLU B 159 -45.83 -3.83 -5.39
C GLU B 159 -45.68 -3.16 -4.01
N ALA B 160 -45.91 -3.90 -2.92
CA ALA B 160 -45.57 -3.42 -1.58
C ALA B 160 -44.12 -2.87 -1.51
N VAL B 161 -43.18 -3.56 -2.14
CA VAL B 161 -41.77 -3.18 -2.13
C VAL B 161 -41.60 -1.99 -3.08
N GLU B 162 -42.21 -2.08 -4.26
CA GLU B 162 -42.25 -0.98 -5.23
C GLU B 162 -42.64 0.35 -4.53
N LYS B 163 -43.66 0.29 -3.64
CA LYS B 163 -44.16 1.47 -2.89
C LYS B 163 -43.17 2.11 -1.89
N LEU B 164 -42.24 1.31 -1.36
CA LEU B 164 -41.16 1.78 -0.51
C LEU B 164 -39.97 2.26 -1.37
N GLN B 165 -39.70 1.56 -2.49
CA GLN B 165 -38.58 1.94 -3.38
C GLN B 165 -38.78 3.29 -4.06
N GLU B 166 -40.04 3.56 -4.45
CA GLU B 166 -40.40 4.71 -5.30
C GLU B 166 -40.07 6.08 -4.69
N PRO B 167 -40.50 6.32 -3.44
CA PRO B 167 -40.21 7.61 -2.82
C PRO B 167 -38.71 7.89 -2.56
N LEU B 168 -37.91 6.84 -2.34
CA LEU B 168 -36.46 7.04 -2.17
C LEU B 168 -35.87 7.44 -3.50
N LEU B 169 -36.43 6.88 -4.56
CA LEU B 169 -35.93 7.15 -5.92
C LEU B 169 -36.29 8.58 -6.31
N ASP B 170 -37.49 9.01 -5.89
CA ASP B 170 -37.92 10.41 -6.03
C ASP B 170 -36.95 11.33 -5.26
N VAL B 171 -36.78 11.06 -3.97
CA VAL B 171 -35.81 11.77 -3.13
C VAL B 171 -34.43 11.85 -3.79
N LEU B 172 -33.89 10.71 -4.22
CA LEU B 172 -32.54 10.67 -4.79
C LEU B 172 -32.43 11.55 -6.04
N GLN B 173 -33.48 11.58 -6.85
CA GLN B 173 -33.47 12.26 -8.15
C GLN B 173 -33.39 13.79 -7.98
N LYS B 174 -34.25 14.33 -7.13
CA LYS B 174 -34.22 15.74 -6.76
C LYS B 174 -32.83 16.17 -6.25
N LEU B 175 -32.19 15.35 -5.42
CA LEU B 175 -30.88 15.70 -4.87
C LEU B 175 -29.75 15.78 -5.92
N CYS B 176 -29.85 15.00 -6.98
CA CYS B 176 -28.94 15.12 -8.13
C CYS B 176 -29.12 16.43 -8.94
N LYS B 177 -30.33 17.00 -8.88
CA LYS B 177 -30.61 18.36 -9.38
C LYS B 177 -30.05 19.45 -8.46
N ILE B 178 -30.28 19.29 -7.16
CA ILE B 178 -29.77 20.22 -6.14
C ILE B 178 -28.25 20.15 -6.09
N HIS B 179 -27.69 19.07 -5.53
CA HIS B 179 -26.25 18.95 -5.26
C HIS B 179 -25.36 19.37 -6.44
N GLN B 180 -25.71 18.89 -7.63
CA GLN B 180 -24.93 19.14 -8.84
C GLN B 180 -25.87 19.52 -10.00
N PRO B 181 -26.31 20.79 -10.06
CA PRO B 181 -27.13 21.20 -11.22
C PRO B 181 -26.32 21.33 -12.53
N GLU B 182 -25.00 21.53 -12.42
CA GLU B 182 -24.10 21.70 -13.58
C GLU B 182 -24.03 20.49 -14.54
N ASN B 183 -24.19 19.27 -14.01
CA ASN B 183 -24.29 18.04 -14.81
C ASN B 183 -25.71 17.47 -14.75
N PRO B 184 -26.57 17.82 -15.72
CA PRO B 184 -27.99 17.43 -15.69
C PRO B 184 -28.28 15.92 -15.89
N GLN B 185 -27.32 15.20 -16.47
CA GLN B 185 -27.43 13.74 -16.63
C GLN B 185 -26.64 12.97 -15.52
N HIS B 186 -26.48 13.57 -14.33
CA HIS B 186 -25.84 12.89 -13.17
C HIS B 186 -26.68 11.73 -12.64
N PHE B 187 -28.00 11.90 -12.55
CA PHE B 187 -28.87 10.82 -12.05
C PHE B 187 -28.83 9.58 -12.96
N ALA B 188 -28.76 9.78 -14.28
CA ALA B 188 -28.56 8.64 -15.21
C ALA B 188 -27.21 7.88 -15.02
N CYS B 189 -26.17 8.57 -14.52
CA CYS B 189 -24.89 7.92 -14.17
C CYS B 189 -25.06 7.03 -12.92
N LEU B 190 -25.76 7.54 -11.91
CA LEU B 190 -26.06 6.76 -10.70
C LEU B 190 -26.88 5.49 -10.92
N LEU B 191 -27.74 5.51 -11.93
CA LEU B 191 -28.54 4.34 -12.28
C LEU B 191 -27.68 3.41 -13.13
N GLY B 192 -26.72 3.99 -13.85
CA GLY B 192 -25.76 3.24 -14.65
C GLY B 192 -24.80 2.39 -13.84
N ARG B 193 -24.32 2.94 -12.72
CA ARG B 193 -23.45 2.20 -11.80
C ARG B 193 -24.22 1.15 -11.01
N LEU B 194 -25.54 1.32 -10.89
CA LEU B 194 -26.40 0.26 -10.38
C LEU B 194 -26.44 -0.93 -11.36
N THR B 195 -26.28 -0.67 -12.65
CA THR B 195 -26.20 -1.75 -13.64
C THR B 195 -24.93 -2.55 -13.41
N GLU B 196 -23.79 -1.86 -13.37
CA GLU B 196 -22.49 -2.49 -13.07
C GLU B 196 -22.47 -3.22 -11.72
N LEU B 197 -23.22 -2.73 -10.74
CA LEU B 197 -23.30 -3.40 -9.44
C LEU B 197 -24.03 -4.74 -9.53
N ARG B 198 -25.10 -4.81 -10.31
CA ARG B 198 -25.83 -6.07 -10.45
C ARG B 198 -24.96 -7.21 -11.00
N THR B 199 -23.91 -6.90 -11.78
CA THR B 199 -23.06 -7.96 -12.35
C THR B 199 -22.22 -8.77 -11.33
N PHE B 200 -22.06 -8.20 -10.15
CA PHE B 200 -21.51 -8.91 -9.02
C PHE B 200 -22.39 -10.04 -8.46
N ASN B 201 -23.67 -10.10 -8.80
CA ASN B 201 -24.50 -11.27 -8.44
C ASN B 201 -23.94 -12.55 -9.06
N HIS B 202 -23.48 -12.45 -10.31
CA HIS B 202 -22.87 -13.57 -11.04
C HIS B 202 -21.43 -13.83 -10.61
N HIS B 203 -20.62 -12.76 -10.52
CA HIS B 203 -19.21 -12.91 -10.06
C HIS B 203 -19.13 -13.62 -8.73
N HIS B 204 -20.03 -13.25 -7.83
CA HIS B 204 -20.17 -13.90 -6.51
C HIS B 204 -20.58 -15.39 -6.59
N ALA B 205 -21.64 -15.70 -7.33
CA ALA B 205 -22.05 -17.11 -7.48
C ALA B 205 -20.85 -17.96 -7.91
N GLU B 206 -20.05 -17.43 -8.84
CA GLU B 206 -18.85 -18.15 -9.28
C GLU B 206 -17.81 -18.36 -8.17
N MET B 207 -17.45 -17.33 -7.44
CA MET B 207 -16.48 -17.47 -6.36
C MET B 207 -16.83 -18.52 -5.34
N LEU B 208 -18.12 -18.71 -5.05
CA LEU B 208 -18.51 -19.84 -4.24
C LEU B 208 -18.23 -21.20 -4.96
N MET B 209 -18.30 -21.28 -6.31
CA MET B 209 -17.76 -22.43 -7.12
C MET B 209 -16.25 -22.78 -6.76
N SER B 210 -15.38 -21.83 -6.34
CA SER B 210 -13.94 -22.12 -5.94
C SER B 210 -13.72 -22.99 -4.70
N TRP B 211 -14.54 -22.80 -3.64
CA TRP B 211 -14.39 -23.47 -2.27
C TRP B 211 -15.52 -24.39 -1.92
N ARG B 212 -16.71 -23.81 -1.87
CA ARG B 212 -17.90 -24.58 -1.64
C ARG B 212 -17.92 -25.62 -2.75
N HIS B 216 -11.56 -22.91 5.31
CA HIS B 216 -12.54 -23.21 4.28
C HIS B 216 -14.00 -22.99 4.74
N LYS B 217 -14.19 -22.73 6.03
CA LYS B 217 -15.49 -22.73 6.66
C LYS B 217 -15.90 -21.33 7.07
N PHE B 218 -16.89 -20.80 6.35
CA PHE B 218 -17.42 -19.44 6.52
C PHE B 218 -18.19 -19.25 7.86
N THR B 219 -18.32 -18.00 8.35
CA THR B 219 -19.12 -17.72 9.56
C THR B 219 -20.60 -18.18 9.40
N PRO B 220 -21.29 -18.43 10.55
CA PRO B 220 -22.73 -18.72 10.49
C PRO B 220 -23.52 -17.68 9.71
N LEU B 221 -23.18 -16.40 9.89
CA LEU B 221 -23.97 -15.32 9.27
C LEU B 221 -23.79 -15.33 7.74
N LEU B 222 -22.58 -15.56 7.26
CA LEU B 222 -22.32 -15.63 5.81
C LEU B 222 -22.95 -16.87 5.17
N CYS B 223 -22.87 -17.98 5.90
CA CYS B 223 -23.55 -19.23 5.57
C CYS B 223 -25.02 -18.98 5.28
N GLU B 224 -25.73 -18.34 6.22
CA GLU B 224 -27.16 -18.16 6.06
C GLU B 224 -27.44 -17.09 5.03
N ILE B 225 -26.74 -15.96 5.05
CA ILE B 225 -27.06 -14.95 4.04
C ILE B 225 -26.85 -15.46 2.62
N TRP B 226 -25.71 -16.09 2.35
CA TRP B 226 -25.36 -16.54 0.98
C TRP B 226 -25.96 -17.90 0.58
N ASP B 227 -26.67 -18.55 1.50
CA ASP B 227 -27.36 -19.80 1.21
C ASP B 227 -26.32 -20.86 0.89
N VAL B 228 -25.33 -20.95 1.78
CA VAL B 228 -24.40 -22.07 2.00
C VAL B 228 -23.12 -21.70 1.25
N GLU C 1 -37.60 -21.80 8.19
CA GLU C 1 -36.53 -21.54 9.20
C GLU C 1 -35.82 -20.19 8.95
N ASN C 2 -34.63 -20.14 8.33
CA ASN C 2 -33.82 -18.87 8.27
C ASN C 2 -33.81 -18.20 9.68
N ALA C 3 -33.37 -18.98 10.66
CA ALA C 3 -33.60 -18.68 12.04
C ALA C 3 -32.68 -17.53 12.48
N LEU C 4 -31.39 -17.60 12.16
CA LEU C 4 -30.47 -16.48 12.47
C LEU C 4 -30.87 -15.06 11.92
N LEU C 5 -31.32 -14.99 10.67
CA LEU C 5 -31.62 -13.71 10.08
C LEU C 5 -32.92 -13.20 10.68
N ARG C 6 -33.85 -14.11 10.95
CA ARG C 6 -35.07 -13.76 11.67
C ARG C 6 -34.72 -13.12 13.04
N TYR C 7 -33.88 -13.81 13.81
CA TYR C 7 -33.34 -13.28 15.08
C TYR C 7 -32.81 -11.84 14.93
N LEU C 8 -31.96 -11.64 13.94
CA LEU C 8 -31.28 -10.33 13.82
C LEU C 8 -32.23 -9.24 13.44
N LEU C 9 -33.20 -9.54 12.57
CA LEU C 9 -34.29 -8.58 12.23
C LEU C 9 -35.21 -8.20 13.39
N ASP C 10 -35.60 -9.13 14.24
CA ASP C 10 -36.51 -8.84 15.38
C ASP C 10 -35.74 -8.31 16.61
N LYS C 11 -34.42 -8.38 16.58
CA LYS C 11 -33.48 -7.84 17.59
C LYS C 11 -32.87 -9.02 18.34
N GLU D 1 41.20 2.75 17.05
CA GLU D 1 40.00 3.25 16.29
C GLU D 1 39.67 2.30 15.14
N ASN D 2 38.36 2.10 14.94
CA ASN D 2 37.83 1.43 13.76
C ASN D 2 38.33 -0.04 13.63
N ALA D 3 38.46 -0.75 14.73
CA ALA D 3 38.86 -2.17 14.68
C ALA D 3 37.81 -2.99 13.93
N LEU D 4 36.56 -2.87 14.34
CA LEU D 4 35.47 -3.53 13.60
C LEU D 4 35.46 -3.30 12.05
N LEU D 5 35.53 -2.02 11.61
CA LEU D 5 35.60 -1.71 10.18
C LEU D 5 36.87 -2.17 9.53
N ARG D 6 38.00 -2.04 10.23
CA ARG D 6 39.25 -2.67 9.78
C ARG D 6 39.16 -4.24 9.60
N TYR D 7 38.72 -4.97 10.63
CA TYR D 7 38.42 -6.41 10.54
C TYR D 7 37.58 -6.70 9.29
N LEU D 8 36.43 -6.04 9.16
CA LEU D 8 35.53 -6.31 8.01
C LEU D 8 36.15 -5.96 6.63
N LEU D 9 37.00 -4.94 6.56
CA LEU D 9 37.72 -4.63 5.31
C LEU D 9 38.81 -5.63 4.91
N ASP D 10 39.49 -6.26 5.88
CA ASP D 10 40.65 -7.17 5.62
C ASP D 10 40.30 -8.62 5.43
N LYS D 11 39.21 -9.08 6.01
CA LYS D 11 38.68 -10.39 5.64
C LYS D 11 38.63 -10.51 4.13
#